data_3PSB
#
_entry.id   3PSB
#
_cell.length_a   101.073
_cell.length_b   101.073
_cell.length_c   162.952
_cell.angle_alpha   90.00
_cell.angle_beta   90.00
_cell.angle_gamma   90.00
#
_symmetry.space_group_name_H-M   'P 41 21 2'
#
loop_
_entity.id
_entity.type
_entity.pdbx_description
1 polymer 'B-RAF PROTO-ONCOGENE SERINE/THREONINE-PROTEIN KINASE'
2 non-polymer 'ethyl 3-{[1-(hydroxyamino)-2H-inden-5-yl]amino}thieno[2,3-c]pyridine-2-carboxylate'
#
_entity_poly.entity_id   1
_entity_poly.type   'polypeptide(L)'
_entity_poly.pdbx_seq_one_letter_code
;MDRGSHHHHHHGSEDRNRMKTLGRRDSSDDWEIPDGQITVGQRIGSGSFGTVYKGKWHGDVAVKMLNVTAPTPQQLQAFK
NEVGVLRKTRHVNILLFMGYSTKPQLAIVTQWCEGSSLYHHLHIIETKFEMIKLIDIARQTAQGMDYLHAKSIIHRDLKS
NNIFLHEDLTVKIGDFGLATVKSRWSGSHQFEQLSGSILWMAPEVIRMQDKNPYSFQSDVYAFGIVLYELMTGQLPYSNI
NNRDQIIFMVGRGYLSPDLSKVRSNCPKAMKRLMAECLKKKRDERPLFPQILASIELLARSLPKIHR
;
_entity_poly.pdbx_strand_id   A,B
#
loop_
_chem_comp.id
_chem_comp.type
_chem_comp.name
_chem_comp.formula
SM6 non-polymer 'ethyl 3-{[1-(hydroxyamino)-2H-inden-5-yl]amino}thieno[2,3-c]pyridine-2-carboxylate' 'C19 H17 N3 O3 S'
#
# COMPACT_ATOMS: atom_id res chain seq x y z
N ASP A 29 -2.73 -5.87 -17.84
CA ASP A 29 -1.63 -5.07 -17.22
C ASP A 29 -1.96 -3.57 -17.19
N ASP A 30 -2.16 -3.00 -18.38
CA ASP A 30 -2.29 -1.55 -18.57
C ASP A 30 -3.31 -0.89 -17.63
N TRP A 31 -3.08 0.39 -17.35
CA TRP A 31 -3.69 1.04 -16.19
C TRP A 31 -4.88 1.96 -16.50
N GLU A 32 -5.35 1.96 -17.74
CA GLU A 32 -6.51 2.78 -18.07
C GLU A 32 -7.79 2.15 -17.52
N ILE A 33 -8.69 3.01 -17.04
CA ILE A 33 -9.99 2.60 -16.52
C ILE A 33 -11.08 3.08 -17.48
N PRO A 34 -11.91 2.15 -17.99
CA PRO A 34 -13.00 2.46 -18.93
C PRO A 34 -14.06 3.38 -18.32
N ASP A 35 -14.62 4.26 -19.15
CA ASP A 35 -15.62 5.25 -18.71
C ASP A 35 -16.81 4.59 -18.00
N GLY A 36 -17.24 5.21 -16.90
CA GLY A 36 -18.37 4.71 -16.13
C GLY A 36 -17.98 3.87 -14.92
N GLN A 37 -16.69 3.55 -14.80
CA GLN A 37 -16.21 2.77 -13.67
C GLN A 37 -15.92 3.62 -12.42
N ILE A 38 -15.53 4.86 -12.64
CA ILE A 38 -15.14 5.73 -11.52
C ILE A 38 -16.32 6.60 -11.05
N THR A 39 -16.85 6.28 -9.88
CA THR A 39 -17.92 7.06 -9.27
C THR A 39 -17.27 8.24 -8.53
N VAL A 40 -17.51 9.45 -9.02
CA VAL A 40 -16.90 10.64 -8.43
C VAL A 40 -17.87 11.29 -7.44
N GLY A 41 -17.41 11.49 -6.22
CA GLY A 41 -18.26 12.04 -5.17
C GLY A 41 -17.83 13.40 -4.68
N GLN A 42 -17.73 13.53 -3.36
CA GLN A 42 -17.32 14.75 -2.67
C GLN A 42 -16.13 15.45 -3.32
N ARG A 43 -16.21 16.77 -3.47
CA ARG A 43 -15.04 17.58 -3.83
C ARG A 43 -14.29 17.89 -2.55
N ILE A 44 -12.99 17.65 -2.53
CA ILE A 44 -12.21 17.84 -1.31
C ILE A 44 -11.11 18.90 -1.38
N GLY A 45 -10.81 19.38 -2.60
CA GLY A 45 -9.81 20.42 -2.78
C GLY A 45 -9.06 20.34 -4.10
N SER A 46 -7.84 20.88 -4.12
CA SER A 46 -7.06 20.96 -5.35
C SER A 46 -5.66 20.36 -5.21
N GLY A 47 -5.15 19.82 -6.30
CA GLY A 47 -3.77 19.40 -6.39
C GLY A 47 -3.17 20.10 -7.59
N SER A 48 -1.96 19.70 -7.96
CA SER A 48 -1.31 20.24 -9.15
C SER A 48 -2.13 19.84 -10.37
N PHE A 49 -2.38 20.80 -11.25
CA PHE A 49 -3.18 20.60 -12.46
C PHE A 49 -4.46 19.76 -12.24
N GLY A 50 -5.33 20.19 -11.32
CA GLY A 50 -6.62 19.51 -11.17
C GLY A 50 -7.32 19.62 -9.83
N THR A 51 -8.56 19.15 -9.80
CA THR A 51 -9.39 19.13 -8.59
C THR A 51 -9.45 17.73 -8.02
N VAL A 52 -9.32 17.63 -6.70
CA VAL A 52 -9.34 16.35 -6.00
C VAL A 52 -10.74 16.02 -5.48
N TYR A 53 -11.11 14.75 -5.57
CA TYR A 53 -12.39 14.25 -5.10
C TYR A 53 -12.19 12.92 -4.38
N LYS A 54 -13.09 12.60 -3.46
CA LYS A 54 -13.17 11.24 -2.90
C LYS A 54 -14.09 10.44 -3.82
N GLY A 55 -13.63 9.27 -4.24
CA GLY A 55 -14.41 8.45 -5.14
C GLY A 55 -14.50 6.99 -4.74
N LYS A 56 -15.22 6.22 -5.54
CA LYS A 56 -15.26 4.78 -5.37
C LYS A 56 -14.78 4.10 -6.65
N TRP A 57 -13.91 3.10 -6.46
CA TRP A 57 -13.44 2.22 -7.54
C TRP A 57 -12.74 1.03 -6.90
N HIS A 58 -13.48 -0.06 -6.73
CA HIS A 58 -13.06 -1.17 -5.88
C HIS A 58 -12.62 -0.65 -4.50
N GLY A 59 -13.55 0.01 -3.84
CA GLY A 59 -13.31 0.62 -2.53
C GLY A 59 -13.13 2.12 -2.65
N ASP A 60 -12.83 2.76 -1.51
CA ASP A 60 -12.57 4.19 -1.45
C ASP A 60 -11.30 4.53 -2.21
N VAL A 61 -11.37 5.56 -3.04
CA VAL A 61 -10.19 6.08 -3.75
C VAL A 61 -10.17 7.61 -3.73
N ALA A 62 -9.02 8.18 -4.08
CA ALA A 62 -8.91 9.61 -4.30
C ALA A 62 -8.75 9.87 -5.79
N VAL A 63 -9.49 10.85 -6.30
CA VAL A 63 -9.51 11.14 -7.72
C VAL A 63 -9.15 12.59 -8.02
N LYS A 64 -8.02 12.79 -8.69
CA LYS A 64 -7.62 14.12 -9.17
C LYS A 64 -8.04 14.26 -10.63
N MET A 65 -8.81 15.29 -10.91
CA MET A 65 -9.49 15.42 -12.19
C MET A 65 -9.26 16.81 -12.78
N LEU A 66 -9.11 16.86 -14.11
CA LEU A 66 -9.01 18.13 -14.84
C LEU A 66 -10.32 18.92 -14.89
N ASN A 67 -11.43 18.19 -15.06
CA ASN A 67 -12.77 18.77 -15.25
C ASN A 67 -12.90 19.93 -16.27
N VAL A 68 -11.98 19.92 -17.24
CA VAL A 68 -12.04 20.86 -18.37
C VAL A 68 -12.74 20.15 -19.53
N THR A 69 -13.62 20.87 -20.22
CA THR A 69 -14.36 20.35 -21.37
C THR A 69 -13.44 19.72 -22.43
N ALA A 70 -12.37 20.42 -22.79
CA ALA A 70 -11.36 19.88 -23.70
C ALA A 70 -9.94 20.29 -23.25
N PRO A 71 -9.03 19.31 -23.13
CA PRO A 71 -7.67 19.57 -22.64
C PRO A 71 -6.71 20.16 -23.68
N THR A 72 -5.89 21.11 -23.24
CA THR A 72 -4.81 21.68 -24.04
C THR A 72 -3.71 20.65 -24.19
N PRO A 73 -2.94 20.69 -25.31
CA PRO A 73 -1.74 19.85 -25.39
C PRO A 73 -0.79 20.14 -24.24
N GLN A 74 -0.82 21.38 -23.76
CA GLN A 74 -0.14 21.80 -22.53
C GLN A 74 -0.57 20.95 -21.33
N GLN A 75 -1.89 20.81 -21.14
CA GLN A 75 -2.43 20.03 -20.02
C GLN A 75 -2.27 18.54 -20.27
N LEU A 76 -2.57 18.13 -21.50
CA LEU A 76 -2.43 16.74 -21.95
C LEU A 76 -1.04 16.21 -21.62
N GLN A 77 -0.04 17.06 -21.77
CA GLN A 77 1.35 16.69 -21.56
C GLN A 77 1.69 16.47 -20.08
N ALA A 78 1.28 17.41 -19.24
CA ALA A 78 1.55 17.33 -17.80
C ALA A 78 0.84 16.14 -17.16
N PHE A 79 -0.28 15.74 -17.76
CA PHE A 79 -1.04 14.56 -17.35
C PHE A 79 -0.29 13.28 -17.68
N LYS A 80 0.11 13.13 -18.95
CA LYS A 80 0.87 11.98 -19.42
C LYS A 80 2.22 11.85 -18.71
N ASN A 81 2.81 13.00 -18.39
CA ASN A 81 4.04 13.07 -17.61
C ASN A 81 3.87 12.44 -16.22
N GLU A 82 2.88 12.93 -15.47
CA GLU A 82 2.64 12.50 -14.10
C GLU A 82 2.36 11.00 -14.00
N VAL A 83 1.48 10.51 -14.87
CA VAL A 83 1.15 9.09 -14.95
C VAL A 83 2.42 8.27 -15.18
N GLY A 84 3.22 8.69 -16.16
CA GLY A 84 4.50 8.06 -16.45
C GLY A 84 5.40 7.95 -15.23
N VAL A 85 5.36 8.97 -14.37
CA VAL A 85 6.16 9.01 -13.16
C VAL A 85 5.61 8.07 -12.09
N LEU A 86 4.33 8.23 -11.77
CA LEU A 86 3.62 7.43 -10.76
C LEU A 86 3.76 5.92 -10.98
N ARG A 87 3.64 5.49 -12.23
CA ARG A 87 3.71 4.07 -12.58
C ARG A 87 5.09 3.46 -12.41
N LYS A 88 6.06 4.27 -11.99
CA LYS A 88 7.40 3.77 -11.67
C LYS A 88 7.57 3.60 -10.15
N THR A 89 6.55 4.04 -9.41
CA THR A 89 6.56 3.97 -7.96
C THR A 89 5.69 2.84 -7.42
N ARG A 90 6.26 2.05 -6.53
CA ARG A 90 5.56 1.01 -5.78
C ARG A 90 6.20 0.93 -4.42
N HIS A 91 5.67 1.67 -3.46
CA HIS A 91 6.28 1.72 -2.14
C HIS A 91 5.28 2.06 -1.07
N VAL A 92 5.48 1.46 0.11
CA VAL A 92 4.65 1.74 1.29
C VAL A 92 4.41 3.24 1.41
N ASN A 93 5.51 4.00 1.49
CA ASN A 93 5.45 5.42 1.76
C ASN A 93 5.13 6.35 0.57
N ILE A 94 4.97 5.78 -0.62
CA ILE A 94 4.53 6.57 -1.78
C ILE A 94 3.06 6.28 -2.10
N LEU A 95 2.25 7.33 -2.08
CA LEU A 95 0.81 7.22 -2.33
C LEU A 95 0.53 6.34 -3.53
N LEU A 96 -0.08 5.18 -3.27
CA LEU A 96 -0.32 4.15 -4.29
C LEU A 96 -1.13 4.64 -5.48
N PHE A 97 -0.46 4.69 -6.64
CA PHE A 97 -1.10 4.91 -7.91
C PHE A 97 -1.93 3.67 -8.27
N MET A 98 -3.20 3.86 -8.62
CA MET A 98 -4.10 2.75 -8.88
C MET A 98 -4.54 2.65 -10.34
N GLY A 99 -4.71 3.79 -11.00
CA GLY A 99 -5.13 3.84 -12.40
C GLY A 99 -5.42 5.24 -12.90
N TYR A 100 -5.61 5.38 -14.21
CA TYR A 100 -5.93 6.67 -14.79
C TYR A 100 -7.10 6.58 -15.75
N SER A 101 -7.67 7.73 -16.10
CA SER A 101 -8.77 7.80 -17.03
C SER A 101 -8.65 9.03 -17.90
N THR A 102 -8.82 8.85 -19.20
CA THR A 102 -8.83 9.96 -20.15
C THR A 102 -10.23 10.13 -20.74
N LYS A 103 -11.17 9.31 -20.27
CA LYS A 103 -12.42 9.06 -21.00
C LYS A 103 -13.56 10.09 -20.78
N PRO A 104 -14.10 10.21 -19.55
CA PRO A 104 -14.99 11.37 -19.39
C PRO A 104 -14.17 12.67 -19.30
N GLN A 105 -13.13 12.62 -18.48
CA GLN A 105 -12.17 13.71 -18.32
C GLN A 105 -10.81 13.09 -17.96
N LEU A 106 -9.75 13.90 -17.99
CA LEU A 106 -8.44 13.44 -17.54
C LEU A 106 -8.44 13.32 -16.02
N ALA A 107 -8.04 12.16 -15.52
CA ALA A 107 -8.10 11.87 -14.09
C ALA A 107 -7.14 10.77 -13.62
N ILE A 108 -6.60 10.95 -12.42
CA ILE A 108 -5.70 9.98 -11.80
C ILE A 108 -6.30 9.43 -10.50
N VAL A 109 -6.37 8.09 -10.41
CA VAL A 109 -6.94 7.41 -9.26
C VAL A 109 -5.86 6.80 -8.38
N THR A 110 -5.93 7.13 -7.08
CA THR A 110 -5.02 6.60 -6.07
C THR A 110 -5.80 6.12 -4.86
N GLN A 111 -5.14 5.30 -4.02
CA GLN A 111 -5.70 4.86 -2.76
C GLN A 111 -6.18 6.03 -1.89
N TRP A 112 -7.10 5.74 -0.97
CA TRP A 112 -7.66 6.74 -0.07
C TRP A 112 -6.92 6.75 1.27
N CYS A 113 -6.70 7.95 1.81
CA CYS A 113 -6.10 8.11 3.14
C CYS A 113 -7.07 8.75 4.11
N GLU A 114 -7.72 7.94 4.93
CA GLU A 114 -8.61 8.47 5.95
C GLU A 114 -7.77 9.06 7.08
N GLY A 115 -7.99 10.35 7.35
CA GLY A 115 -7.12 11.11 8.23
C GLY A 115 -6.27 12.02 7.36
N SER A 116 -6.12 13.27 7.78
CA SER A 116 -5.68 14.33 6.86
C SER A 116 -4.17 14.41 6.57
N SER A 117 -3.78 15.38 5.74
CA SER A 117 -2.39 15.69 5.40
C SER A 117 -1.63 16.27 6.60
N LEU A 118 -0.30 16.14 6.55
CA LEU A 118 0.56 16.59 7.65
C LEU A 118 0.46 18.09 7.92
N TYR A 119 0.23 18.87 6.85
CA TYR A 119 0.01 20.31 6.96
C TYR A 119 -1.24 20.62 7.77
N HIS A 120 -2.30 19.87 7.49
CA HIS A 120 -3.56 20.01 8.16
C HIS A 120 -3.42 19.65 9.63
N HIS A 121 -2.74 18.53 9.90
CA HIS A 121 -2.49 18.11 11.27
C HIS A 121 -1.77 19.18 12.07
N LEU A 122 -0.75 19.77 11.46
CA LEU A 122 0.13 20.72 12.14
C LEU A 122 -0.44 22.13 12.27
N HIS A 123 -0.95 22.69 11.17
CA HIS A 123 -1.30 24.11 11.16
C HIS A 123 -2.78 24.44 11.07
N ILE A 124 -3.64 23.42 11.02
CA ILE A 124 -5.08 23.63 10.93
C ILE A 124 -5.81 23.06 12.15
N ILE A 125 -5.73 21.76 12.37
CA ILE A 125 -6.38 21.17 13.56
C ILE A 125 -5.45 21.20 14.77
N GLU A 126 -4.17 21.45 14.51
CA GLU A 126 -3.15 21.61 15.55
C GLU A 126 -2.95 20.36 16.41
N THR A 127 -2.81 19.20 15.77
CA THR A 127 -2.53 17.95 16.45
C THR A 127 -1.24 18.07 17.25
N LYS A 128 -1.31 17.73 18.54
CA LYS A 128 -0.11 17.71 19.36
C LYS A 128 0.45 16.30 19.34
N PHE A 129 1.34 16.05 18.38
CA PHE A 129 1.99 14.75 18.25
C PHE A 129 3.08 14.59 19.29
N GLU A 130 3.25 13.37 19.78
CA GLU A 130 4.35 13.04 20.68
C GLU A 130 5.63 12.98 19.89
N MET A 131 6.76 13.23 20.55
CA MET A 131 8.06 13.33 19.88
C MET A 131 8.44 12.04 19.14
N ILE A 132 8.23 10.91 19.79
CA ILE A 132 8.56 9.58 19.25
C ILE A 132 7.82 9.34 17.92
N LYS A 133 6.61 9.89 17.84
CA LYS A 133 5.80 9.78 16.63
C LYS A 133 6.31 10.74 15.56
N LEU A 134 6.62 11.97 15.96
CA LEU A 134 7.14 12.99 15.04
C LEU A 134 8.37 12.51 14.28
N ILE A 135 9.27 11.84 15.00
CA ILE A 135 10.48 11.30 14.41
C ILE A 135 10.15 10.17 13.43
N ASP A 136 9.13 9.39 13.75
CA ASP A 136 8.71 8.29 12.87
C ASP A 136 8.07 8.80 11.56
N ILE A 137 7.30 9.87 11.66
CA ILE A 137 6.77 10.58 10.50
C ILE A 137 7.93 11.08 9.63
N ALA A 138 8.94 11.65 10.27
CA ALA A 138 10.15 12.09 9.59
C ALA A 138 10.98 10.92 9.02
N ARG A 139 10.87 9.75 9.65
CA ARG A 139 11.62 8.57 9.22
C ARG A 139 10.99 7.96 7.98
N GLN A 140 9.67 8.05 7.88
CA GLN A 140 8.95 7.51 6.75
C GLN A 140 9.04 8.42 5.53
N THR A 141 8.96 9.72 5.76
CA THR A 141 9.09 10.72 4.71
C THR A 141 10.47 10.62 4.06
N ALA A 142 11.49 10.47 4.89
CA ALA A 142 12.83 10.19 4.43
C ALA A 142 12.87 8.90 3.62
N GLN A 143 12.24 7.85 4.17
CA GLN A 143 12.18 6.53 3.54
C GLN A 143 11.63 6.57 2.13
N GLY A 144 10.53 7.31 1.95
CA GLY A 144 9.89 7.48 0.66
C GLY A 144 10.73 8.20 -0.36
N MET A 145 11.37 9.30 0.06
CA MET A 145 12.22 10.09 -0.83
C MET A 145 13.44 9.31 -1.29
N ASP A 146 14.09 8.62 -0.36
CA ASP A 146 15.20 7.74 -0.69
C ASP A 146 14.81 6.86 -1.86
N TYR A 147 13.64 6.24 -1.76
CA TYR A 147 13.09 5.40 -2.81
C TYR A 147 12.99 6.15 -4.14
N LEU A 148 12.38 7.34 -4.12
CA LEU A 148 12.17 8.13 -5.32
C LEU A 148 13.48 8.53 -5.98
N HIS A 149 14.44 8.94 -5.16
CA HIS A 149 15.74 9.36 -5.64
C HIS A 149 16.56 8.18 -6.14
N ALA A 150 16.34 7.01 -5.54
CA ALA A 150 16.94 5.79 -6.03
C ALA A 150 16.42 5.49 -7.42
N LYS A 151 15.22 5.94 -7.72
CA LYS A 151 14.64 5.74 -9.04
C LYS A 151 14.76 6.98 -9.91
N SER A 152 15.58 7.93 -9.49
CA SER A 152 15.83 9.19 -10.23
C SER A 152 14.56 10.01 -10.44
N ILE A 153 13.76 10.11 -9.39
CA ILE A 153 12.52 10.90 -9.43
C ILE A 153 12.62 12.10 -8.48
N ILE A 154 12.72 13.29 -9.07
CA ILE A 154 12.73 14.51 -8.27
C ILE A 154 11.29 14.98 -8.14
N HIS A 155 10.87 15.23 -6.90
CA HIS A 155 9.48 15.57 -6.61
C HIS A 155 9.17 17.03 -6.91
N ARG A 156 10.11 17.92 -6.58
CA ARG A 156 10.06 19.36 -6.89
C ARG A 156 8.94 20.16 -6.20
N ASP A 157 8.15 19.49 -5.37
CA ASP A 157 7.06 20.16 -4.67
C ASP A 157 6.79 19.56 -3.30
N LEU A 158 7.80 18.93 -2.71
CA LEU A 158 7.66 18.35 -1.38
C LEU A 158 7.29 19.45 -0.41
N LYS A 159 6.19 19.22 0.31
CA LYS A 159 5.72 20.09 1.37
C LYS A 159 4.81 19.26 2.26
N SER A 160 4.47 19.78 3.43
CA SER A 160 3.60 19.05 4.36
C SER A 160 2.19 18.82 3.80
N ASN A 161 1.77 19.65 2.85
CA ASN A 161 0.52 19.44 2.12
C ASN A 161 0.52 18.18 1.28
N ASN A 162 1.70 17.76 0.84
CA ASN A 162 1.85 16.59 -0.01
C ASN A 162 2.25 15.33 0.77
N ILE A 163 2.37 15.48 2.09
CA ILE A 163 2.64 14.36 2.98
C ILE A 163 1.34 13.95 3.68
N PHE A 164 0.82 12.79 3.33
CA PHE A 164 -0.49 12.33 3.82
C PHE A 164 -0.35 11.28 4.91
N LEU A 165 -1.22 11.36 5.91
CA LEU A 165 -1.14 10.45 7.05
C LEU A 165 -2.28 9.44 7.12
N HIS A 166 -2.03 8.29 6.48
CA HIS A 166 -2.97 7.20 6.36
C HIS A 166 -3.29 6.57 7.72
N GLU A 167 -4.58 6.55 8.06
CA GLU A 167 -5.07 6.05 9.36
C GLU A 167 -4.25 6.55 10.56
N ASP A 168 -3.70 7.75 10.41
CA ASP A 168 -2.93 8.45 11.46
C ASP A 168 -1.52 7.89 11.78
N LEU A 169 -1.15 6.76 11.17
CA LEU A 169 0.11 6.11 11.53
C LEU A 169 1.09 5.77 10.38
N THR A 170 0.74 6.12 9.15
CA THR A 170 1.56 5.77 7.97
C THR A 170 1.67 6.90 6.94
N VAL A 171 2.90 7.35 6.69
CA VAL A 171 3.15 8.46 5.76
C VAL A 171 3.08 8.01 4.30
N LYS A 172 2.29 8.73 3.52
CA LYS A 172 2.18 8.51 2.08
C LYS A 172 2.52 9.81 1.37
N ILE A 173 3.67 9.84 0.69
CA ILE A 173 4.06 11.00 -0.10
C ILE A 173 3.22 11.03 -1.36
N GLY A 174 2.50 12.13 -1.58
CA GLY A 174 1.61 12.24 -2.72
C GLY A 174 1.85 13.47 -3.59
N ASP A 175 1.11 13.53 -4.71
CA ASP A 175 1.12 14.65 -5.66
C ASP A 175 2.41 14.75 -6.46
N PHE A 176 2.42 14.10 -7.61
CA PHE A 176 3.62 14.06 -8.43
C PHE A 176 3.43 14.84 -9.74
N GLY A 177 2.60 15.88 -9.68
CA GLY A 177 2.30 16.70 -10.84
C GLY A 177 3.53 17.42 -11.37
N LEU A 178 4.43 17.78 -10.47
CA LEU A 178 5.62 18.55 -10.85
C LEU A 178 6.90 17.70 -10.96
N ALA A 179 6.84 16.47 -10.45
CA ALA A 179 7.97 15.53 -10.50
C ALA A 179 8.60 15.34 -11.89
N THR A 180 9.88 14.98 -11.91
CA THR A 180 10.62 14.71 -13.16
C THR A 180 11.49 13.46 -13.06
N VAL A 181 11.85 12.91 -14.23
CA VAL A 181 12.86 11.86 -14.37
C VAL A 181 13.97 12.34 -15.30
N GLY A 196 4.65 27.33 -6.77
CA GLY A 196 3.55 28.10 -6.16
C GLY A 196 3.67 28.29 -4.65
N SER A 197 4.16 27.26 -3.95
CA SER A 197 4.33 27.29 -2.50
C SER A 197 5.81 27.43 -2.13
N ILE A 198 6.15 28.60 -1.61
CA ILE A 198 7.54 29.07 -1.57
C ILE A 198 8.34 28.72 -0.32
N LEU A 199 7.64 28.40 0.75
CA LEU A 199 8.29 28.16 2.05
C LEU A 199 9.23 26.95 2.06
N TRP A 200 9.00 26.00 1.15
CA TRP A 200 9.78 24.76 1.06
C TRP A 200 10.89 24.85 0.02
N MET A 201 10.91 25.97 -0.70
CA MET A 201 11.84 26.21 -1.80
C MET A 201 13.22 26.63 -1.35
N ALA A 202 14.21 25.86 -1.81
CA ALA A 202 15.62 26.16 -1.61
C ALA A 202 15.96 27.51 -2.25
N PRO A 203 16.91 28.25 -1.65
CA PRO A 203 17.31 29.55 -2.18
C PRO A 203 17.59 29.52 -3.68
N GLU A 204 18.37 28.55 -4.13
CA GLU A 204 18.72 28.38 -5.54
C GLU A 204 17.50 28.39 -6.44
N VAL A 205 16.43 27.75 -5.95
CA VAL A 205 15.16 27.65 -6.68
C VAL A 205 14.43 28.99 -6.65
N ILE A 206 14.56 29.69 -5.54
CA ILE A 206 13.83 30.95 -5.32
C ILE A 206 14.32 32.02 -6.30
N ARG A 207 15.63 32.21 -6.38
CA ARG A 207 16.21 33.10 -7.37
C ARG A 207 16.40 32.32 -8.68
N MET A 208 15.39 32.39 -9.53
CA MET A 208 15.34 31.58 -10.75
C MET A 208 16.57 31.78 -11.68
N GLN A 209 17.58 30.94 -11.45
CA GLN A 209 18.79 30.82 -12.28
C GLN A 209 19.58 29.60 -11.76
N ASP A 210 20.16 28.78 -12.65
CA ASP A 210 20.21 28.96 -14.10
C ASP A 210 18.93 28.52 -14.84
N LYS A 211 19.03 27.48 -15.66
CA LYS A 211 17.87 26.89 -16.36
C LYS A 211 17.12 25.89 -15.45
N ASN A 212 17.86 24.96 -14.84
CA ASN A 212 17.26 24.00 -13.90
C ASN A 212 17.89 24.01 -12.49
N PRO A 213 17.20 24.65 -11.52
CA PRO A 213 17.62 24.67 -10.13
C PRO A 213 17.22 23.42 -9.33
N TYR A 214 16.28 22.63 -9.86
CA TYR A 214 15.71 21.47 -9.17
C TYR A 214 16.61 20.24 -9.20
N SER A 215 17.03 19.79 -8.03
CA SER A 215 17.89 18.61 -7.92
C SER A 215 17.54 17.79 -6.68
N PHE A 216 18.18 16.64 -6.53
CA PHE A 216 18.06 15.87 -5.31
C PHE A 216 18.25 16.78 -4.11
N GLN A 217 19.22 17.68 -4.22
CA GLN A 217 19.56 18.61 -3.14
C GLN A 217 18.44 19.58 -2.79
N SER A 218 17.71 20.04 -3.82
CA SER A 218 16.57 20.95 -3.63
C SER A 218 15.41 20.24 -2.94
N ASP A 219 15.26 18.94 -3.26
CA ASP A 219 14.29 18.09 -2.58
C ASP A 219 14.64 17.89 -1.12
N VAL A 220 15.94 17.74 -0.84
CA VAL A 220 16.44 17.61 0.53
C VAL A 220 16.08 18.85 1.34
N TYR A 221 16.29 20.02 0.76
CA TYR A 221 15.93 21.27 1.42
C TYR A 221 14.47 21.24 1.86
N ALA A 222 13.58 20.99 0.89
CA ALA A 222 12.14 20.87 1.15
C ALA A 222 11.88 19.97 2.35
N PHE A 223 12.53 18.82 2.36
CA PHE A 223 12.43 17.89 3.49
C PHE A 223 12.88 18.54 4.78
N GLY A 224 13.91 19.39 4.68
CA GLY A 224 14.43 20.13 5.84
C GLY A 224 13.37 21.00 6.50
N ILE A 225 12.53 21.64 5.67
CA ILE A 225 11.46 22.49 6.17
C ILE A 225 10.34 21.68 6.83
N VAL A 226 10.03 20.50 6.29
CA VAL A 226 9.01 19.67 6.92
C VAL A 226 9.51 19.18 8.28
N LEU A 227 10.83 18.97 8.38
CA LEU A 227 11.47 18.62 9.66
C LEU A 227 11.32 19.77 10.64
N TYR A 228 11.41 20.99 10.12
CA TYR A 228 11.21 22.20 10.91
C TYR A 228 9.78 22.22 11.44
N GLU A 229 8.80 22.07 10.54
CA GLU A 229 7.39 22.00 10.92
C GLU A 229 7.13 20.96 11.99
N LEU A 230 7.79 19.80 11.86
CA LEU A 230 7.61 18.71 12.79
C LEU A 230 8.18 19.08 14.16
N MET A 231 9.43 19.54 14.17
CA MET A 231 10.11 19.82 15.43
C MET A 231 9.63 21.12 16.09
N THR A 232 9.06 22.03 15.32
CA THR A 232 8.61 23.33 15.88
C THR A 232 7.11 23.48 15.95
N GLY A 233 6.37 22.67 15.20
CA GLY A 233 4.93 22.80 15.10
C GLY A 233 4.48 24.11 14.48
N GLN A 234 5.40 24.79 13.79
CA GLN A 234 5.12 26.08 13.18
C GLN A 234 5.65 26.19 11.78
N LEU A 235 4.98 26.99 10.95
CA LEU A 235 5.50 27.33 9.63
C LEU A 235 6.66 28.30 9.79
N PRO A 236 7.70 28.17 8.94
CA PRO A 236 8.82 29.10 9.07
C PRO A 236 8.40 30.54 8.86
N TYR A 237 9.25 31.46 9.31
CA TYR A 237 9.11 32.89 9.09
C TYR A 237 7.75 33.43 9.54
N SER A 238 7.10 32.70 10.44
CA SER A 238 5.75 33.02 10.93
C SER A 238 5.58 34.47 11.41
N ASN A 239 6.70 35.11 11.74
CA ASN A 239 6.70 36.45 12.31
C ASN A 239 6.91 37.54 11.26
N ILE A 240 6.88 37.17 9.99
CA ILE A 240 6.96 38.11 8.88
C ILE A 240 5.69 37.99 8.05
N ASN A 241 5.02 39.11 7.78
CA ASN A 241 3.74 39.09 7.06
C ASN A 241 3.82 39.49 5.59
N ASN A 242 5.03 39.76 5.11
CA ASN A 242 5.22 40.13 3.71
C ASN A 242 5.89 39.02 2.92
N ARG A 243 5.17 38.46 1.96
CA ARG A 243 5.64 37.30 1.19
C ARG A 243 6.79 37.67 0.28
N ASP A 244 6.65 38.77 -0.44
CA ASP A 244 7.69 39.22 -1.38
C ASP A 244 8.96 39.65 -0.67
N GLN A 245 8.85 39.87 0.64
CA GLN A 245 10.02 40.07 1.48
C GLN A 245 10.69 38.74 1.80
N ILE A 246 9.87 37.74 2.12
CA ILE A 246 10.35 36.40 2.43
C ILE A 246 11.02 35.80 1.20
N ILE A 247 10.43 36.01 0.03
CA ILE A 247 11.02 35.52 -1.21
C ILE A 247 12.36 36.21 -1.42
N PHE A 248 12.33 37.53 -1.48
CA PHE A 248 13.55 38.30 -1.71
C PHE A 248 14.67 37.84 -0.79
N MET A 249 14.34 37.72 0.49
CA MET A 249 15.31 37.55 1.56
C MET A 249 15.97 36.17 1.58
N VAL A 250 15.17 35.14 1.32
CA VAL A 250 15.68 33.77 1.27
C VAL A 250 16.62 33.63 0.07
N GLY A 251 16.25 34.29 -1.03
CA GLY A 251 17.04 34.29 -2.26
C GLY A 251 18.44 34.82 -2.08
N ARG A 252 18.55 35.97 -1.43
CA ARG A 252 19.84 36.61 -1.20
C ARG A 252 20.52 36.04 0.05
N GLY A 253 19.83 35.13 0.73
CA GLY A 253 20.38 34.42 1.88
C GLY A 253 20.46 35.24 3.16
N TYR A 254 19.60 36.23 3.31
CA TYR A 254 19.57 37.04 4.51
C TYR A 254 18.69 36.43 5.57
N LEU A 255 17.81 35.53 5.15
CA LEU A 255 16.83 34.91 6.04
C LEU A 255 16.87 33.40 5.91
N SER A 256 17.13 32.71 7.02
CA SER A 256 17.03 31.26 7.09
C SER A 256 16.14 30.88 8.27
N PRO A 257 15.61 29.64 8.27
CA PRO A 257 14.73 29.19 9.34
C PRO A 257 15.39 29.27 10.72
N ASP A 258 14.66 29.83 11.68
CA ASP A 258 15.17 30.07 13.03
C ASP A 258 15.16 28.79 13.86
N LEU A 259 16.27 28.06 13.80
CA LEU A 259 16.36 26.70 14.36
C LEU A 259 16.32 26.62 15.89
N SER A 260 16.46 27.76 16.57
CA SER A 260 16.44 27.78 18.03
C SER A 260 15.00 27.73 18.55
N LYS A 261 14.07 27.39 17.67
CA LYS A 261 12.66 27.28 18.00
C LYS A 261 12.18 25.84 18.16
N VAL A 262 13.06 24.89 17.86
CA VAL A 262 12.75 23.46 18.05
C VAL A 262 12.43 23.19 19.52
N ARG A 263 11.41 22.36 19.76
CA ARG A 263 10.98 22.09 21.13
C ARG A 263 12.07 21.33 21.90
N SER A 264 12.18 21.67 23.19
CA SER A 264 13.30 21.29 24.06
C SER A 264 13.68 19.81 24.09
N ASN A 265 12.70 18.94 23.87
CA ASN A 265 12.93 17.49 23.86
C ASN A 265 13.25 16.92 22.47
N CYS A 266 13.46 17.81 21.50
CA CYS A 266 13.97 17.43 20.19
C CYS A 266 15.47 17.12 20.31
N PRO A 267 15.88 15.88 20.00
CA PRO A 267 17.27 15.44 20.17
C PRO A 267 18.30 16.31 19.46
N LYS A 268 19.47 16.46 20.07
CA LYS A 268 20.56 17.24 19.49
C LYS A 268 20.96 16.72 18.11
N ALA A 269 20.90 15.40 17.97
CA ALA A 269 21.17 14.74 16.69
C ALA A 269 20.19 15.17 15.59
N MET A 270 18.92 15.36 15.96
CA MET A 270 17.87 15.76 15.01
C MET A 270 18.05 17.22 14.59
N LYS A 271 18.40 18.07 15.55
CA LYS A 271 18.66 19.46 15.28
C LYS A 271 19.83 19.59 14.30
N ARG A 272 20.85 18.75 14.50
CA ARG A 272 22.06 18.77 13.67
C ARG A 272 21.76 18.43 12.21
N LEU A 273 20.90 17.44 12.00
CA LEU A 273 20.51 16.98 10.67
C LEU A 273 19.71 18.05 9.94
N MET A 274 18.89 18.77 10.68
CA MET A 274 18.04 19.80 10.15
C MET A 274 18.88 20.95 9.58
N ALA A 275 19.88 21.37 10.34
CA ALA A 275 20.82 22.39 9.91
C ALA A 275 21.59 21.94 8.67
N GLU A 276 21.87 20.64 8.60
CA GLU A 276 22.55 20.04 7.45
C GLU A 276 21.72 20.08 6.19
N CYS A 277 20.40 19.95 6.32
CA CYS A 277 19.49 19.98 5.18
C CYS A 277 19.27 21.39 4.69
N LEU A 278 19.23 22.33 5.62
CA LEU A 278 18.87 23.72 5.30
C LEU A 278 20.08 24.57 4.90
N LYS A 279 21.14 23.90 4.43
CA LYS A 279 22.35 24.57 3.98
C LYS A 279 22.04 25.44 2.77
N LYS A 280 22.48 26.69 2.83
CA LYS A 280 22.28 27.66 1.76
C LYS A 280 22.94 27.19 0.47
N LYS A 281 24.18 26.71 0.60
CA LYS A 281 24.88 26.10 -0.53
C LYS A 281 24.39 24.66 -0.69
N ARG A 282 23.87 24.35 -1.88
CA ARG A 282 23.21 23.07 -2.12
C ARG A 282 24.10 21.82 -1.98
N ASP A 283 25.38 21.94 -2.33
CA ASP A 283 26.28 20.79 -2.27
C ASP A 283 26.70 20.40 -0.85
N GLU A 284 26.40 21.27 0.11
CA GLU A 284 26.70 21.01 1.52
C GLU A 284 25.55 20.27 2.21
N ARG A 285 24.54 19.89 1.42
CA ARG A 285 23.42 19.08 1.90
C ARG A 285 23.71 17.60 1.70
N PRO A 286 23.21 16.74 2.63
CA PRO A 286 23.32 15.31 2.46
C PRO A 286 22.27 14.80 1.48
N LEU A 287 22.50 13.60 0.93
CA LEU A 287 21.49 12.94 0.14
C LEU A 287 20.74 11.96 1.05
N PHE A 288 19.56 11.54 0.59
CA PHE A 288 18.63 10.78 1.45
C PHE A 288 19.16 9.48 2.04
N PRO A 289 19.95 8.70 1.27
CA PRO A 289 20.54 7.52 1.90
C PRO A 289 21.23 7.87 3.22
N GLN A 290 22.05 8.92 3.21
CA GLN A 290 22.79 9.35 4.40
C GLN A 290 21.86 9.95 5.46
N ILE A 291 20.83 10.66 5.02
CA ILE A 291 19.82 11.24 5.91
C ILE A 291 19.07 10.17 6.69
N LEU A 292 18.50 9.22 5.96
CA LEU A 292 17.73 8.12 6.53
C LEU A 292 18.52 7.42 7.64
N ALA A 293 19.75 7.04 7.32
CA ALA A 293 20.65 6.39 8.28
C ALA A 293 20.66 7.13 9.61
N SER A 294 20.77 8.45 9.55
CA SER A 294 20.87 9.30 10.74
C SER A 294 19.61 9.23 11.58
N ILE A 295 18.46 9.25 10.92
CA ILE A 295 17.17 9.23 11.61
C ILE A 295 16.92 7.87 12.27
N GLU A 296 17.37 6.80 11.62
CA GLU A 296 17.25 5.46 12.18
C GLU A 296 18.20 5.25 13.36
N LEU A 297 19.34 5.92 13.35
CA LEU A 297 20.30 5.84 14.45
C LEU A 297 19.83 6.60 15.68
N LEU A 298 19.21 7.76 15.47
CA LEU A 298 18.66 8.53 16.58
C LEU A 298 17.36 7.92 17.10
N ALA A 299 16.73 7.09 16.27
CA ALA A 299 15.50 6.38 16.64
C ALA A 299 15.76 5.30 17.68
N ARG A 300 16.74 4.45 17.43
CA ARG A 300 17.04 3.32 18.31
C ARG A 300 17.49 3.73 19.71
N SER A 301 18.19 4.86 19.81
CA SER A 301 18.67 5.39 21.08
C SER A 301 17.74 6.44 21.69
N LEU A 302 16.45 6.32 21.39
CA LEU A 302 15.44 7.24 21.92
C LEU A 302 14.56 6.67 23.04
N PRO A 303 13.88 5.51 22.81
CA PRO A 303 12.92 5.00 23.82
C PRO A 303 13.57 4.67 25.17
N LYS A 304 14.84 4.27 25.13
CA LYS A 304 15.64 3.97 26.32
C LYS A 304 16.00 5.25 27.09
N ASP B 29 11.75 2.30 -15.70
CA ASP B 29 10.36 1.74 -15.81
C ASP B 29 10.25 0.37 -15.13
N ASP B 30 11.11 -0.55 -15.55
CA ASP B 30 11.04 -1.96 -15.17
C ASP B 30 11.18 -2.20 -13.66
N TRP B 31 10.80 -3.39 -13.21
CA TRP B 31 10.75 -3.74 -11.79
C TRP B 31 11.87 -4.65 -11.32
N GLU B 32 12.85 -4.91 -12.19
CA GLU B 32 14.01 -5.70 -11.80
C GLU B 32 14.90 -4.88 -10.87
N ILE B 33 15.31 -5.52 -9.77
CA ILE B 33 16.25 -4.90 -8.85
C ILE B 33 17.65 -5.39 -9.21
N PRO B 34 18.62 -4.45 -9.32
CA PRO B 34 20.00 -4.88 -9.59
C PRO B 34 20.63 -5.55 -8.37
N ASP B 35 21.60 -6.42 -8.64
CA ASP B 35 22.26 -7.27 -7.63
C ASP B 35 22.81 -6.51 -6.42
N GLY B 36 22.82 -7.18 -5.27
CA GLY B 36 23.46 -6.67 -4.07
C GLY B 36 22.66 -5.68 -3.25
N GLN B 37 21.56 -5.20 -3.81
CA GLN B 37 20.74 -4.20 -3.14
C GLN B 37 19.87 -4.77 -2.02
N ILE B 38 19.32 -5.97 -2.24
CA ILE B 38 18.44 -6.62 -1.27
C ILE B 38 19.22 -7.23 -0.13
N THR B 39 18.77 -7.01 1.10
CA THR B 39 19.41 -7.59 2.27
C THR B 39 18.50 -8.63 2.92
N VAL B 40 18.78 -9.90 2.62
CA VAL B 40 18.01 -11.01 3.15
C VAL B 40 18.38 -11.25 4.61
N GLY B 41 17.40 -11.11 5.49
CA GLY B 41 17.61 -11.33 6.92
C GLY B 41 17.04 -12.65 7.40
N GLN B 42 16.32 -12.60 8.51
CA GLN B 42 15.68 -13.76 9.14
C GLN B 42 14.88 -14.63 8.17
N ARG B 43 14.95 -15.94 8.36
CA ARG B 43 14.07 -16.88 7.68
C ARG B 43 12.80 -17.02 8.52
N ILE B 44 11.64 -16.82 7.90
CA ILE B 44 10.38 -16.77 8.66
C ILE B 44 9.35 -17.84 8.33
N GLY B 45 9.56 -18.59 7.26
CA GLY B 45 8.62 -19.62 6.84
C GLY B 45 8.72 -19.95 5.36
N SER B 46 7.64 -20.48 4.79
CA SER B 46 7.64 -20.85 3.38
C SER B 46 6.38 -20.41 2.63
N GLY B 47 6.56 -20.05 1.37
CA GLY B 47 5.45 -19.71 0.49
C GLY B 47 5.47 -20.66 -0.70
N SER B 48 4.43 -20.61 -1.51
CA SER B 48 4.34 -21.48 -2.68
C SER B 48 5.55 -21.28 -3.58
N PHE B 49 6.21 -22.38 -3.93
CA PHE B 49 7.48 -22.38 -4.69
C PHE B 49 8.53 -21.43 -4.11
N GLY B 50 8.97 -21.72 -2.88
CA GLY B 50 10.03 -20.93 -2.27
C GLY B 50 9.94 -20.70 -0.77
N THR B 51 11.00 -20.10 -0.22
CA THR B 51 11.13 -19.84 1.21
C THR B 51 11.00 -18.34 1.46
N VAL B 52 10.37 -17.97 2.58
CA VAL B 52 10.10 -16.57 2.89
C VAL B 52 11.05 -16.01 3.96
N TYR B 53 11.52 -14.78 3.71
CA TYR B 53 12.42 -14.07 4.61
C TYR B 53 11.93 -12.64 4.85
N LYS B 54 12.17 -12.13 6.05
CA LYS B 54 12.09 -10.69 6.30
C LYS B 54 13.39 -10.06 5.76
N GLY B 55 13.26 -8.95 5.03
CA GLY B 55 14.43 -8.31 4.42
C GLY B 55 14.46 -6.80 4.52
N LYS B 56 15.49 -6.20 3.92
CA LYS B 56 15.62 -4.74 3.86
C LYS B 56 15.94 -4.25 2.44
N TRP B 57 15.01 -3.49 1.86
CA TRP B 57 15.20 -2.83 0.57
C TRP B 57 14.31 -1.60 0.53
N HIS B 58 14.92 -0.44 0.74
CA HIS B 58 14.19 0.81 0.98
C HIS B 58 13.13 0.63 2.07
N GLY B 59 13.59 0.14 3.23
CA GLY B 59 12.70 -0.19 4.34
C GLY B 59 12.43 -1.69 4.40
N ASP B 60 11.75 -2.12 5.47
CA ASP B 60 11.40 -3.52 5.68
C ASP B 60 10.60 -4.08 4.51
N VAL B 61 11.03 -5.23 4.00
CA VAL B 61 10.32 -5.93 2.92
C VAL B 61 10.11 -7.40 3.25
N ALA B 62 9.31 -8.08 2.43
CA ALA B 62 9.18 -9.53 2.51
C ALA B 62 9.81 -10.15 1.28
N VAL B 63 10.63 -11.18 1.48
CA VAL B 63 11.34 -11.79 0.36
C VAL B 63 11.09 -13.30 0.27
N LYS B 64 10.40 -13.72 -0.79
CA LYS B 64 10.24 -15.12 -1.12
C LYS B 64 11.30 -15.50 -2.18
N MET B 65 12.05 -16.55 -1.88
CA MET B 65 13.25 -16.90 -2.63
C MET B 65 13.17 -18.37 -3.01
N LEU B 66 13.84 -18.74 -4.10
CA LEU B 66 13.97 -20.15 -4.47
C LEU B 66 15.11 -20.86 -3.75
N ASN B 67 16.20 -20.12 -3.54
CA ASN B 67 17.40 -20.59 -2.82
C ASN B 67 17.94 -22.00 -3.16
N VAL B 68 17.67 -22.44 -4.39
CA VAL B 68 18.25 -23.67 -4.92
C VAL B 68 19.20 -23.28 -6.05
N THR B 69 20.49 -23.57 -5.86
CA THR B 69 21.57 -23.18 -6.77
C THR B 69 21.15 -23.04 -8.25
N ALA B 70 20.60 -24.11 -8.83
CA ALA B 70 20.16 -24.09 -10.23
C ALA B 70 18.63 -24.04 -10.36
N PRO B 71 18.12 -23.12 -11.21
CA PRO B 71 16.67 -23.07 -11.48
C PRO B 71 16.25 -24.03 -12.60
N THR B 72 15.13 -24.72 -12.40
CA THR B 72 14.57 -25.62 -13.42
C THR B 72 13.92 -24.77 -14.51
N PRO B 73 13.67 -25.35 -15.70
CA PRO B 73 12.70 -24.75 -16.62
C PRO B 73 11.31 -24.68 -15.97
N GLN B 74 11.01 -25.67 -15.12
CA GLN B 74 9.79 -25.70 -14.29
C GLN B 74 9.74 -24.53 -13.29
N GLN B 75 10.84 -24.29 -12.57
CA GLN B 75 10.90 -23.24 -11.56
C GLN B 75 10.93 -21.85 -12.19
N LEU B 76 11.72 -21.70 -13.26
CA LEU B 76 11.88 -20.43 -13.97
C LEU B 76 10.56 -19.96 -14.58
N GLN B 77 9.66 -20.92 -14.83
CA GLN B 77 8.32 -20.60 -15.33
C GLN B 77 7.42 -20.04 -14.22
N ALA B 78 7.40 -20.72 -13.07
CA ALA B 78 6.58 -20.31 -11.93
C ALA B 78 6.89 -18.88 -11.50
N PHE B 79 8.18 -18.53 -11.59
CA PHE B 79 8.63 -17.17 -11.34
C PHE B 79 8.08 -16.22 -12.40
N LYS B 80 8.47 -16.42 -13.65
CA LYS B 80 8.05 -15.57 -14.78
C LYS B 80 6.53 -15.38 -14.83
N ASN B 81 5.79 -16.39 -14.36
CA ASN B 81 4.34 -16.31 -14.26
C ASN B 81 3.85 -15.37 -13.15
N GLU B 82 4.33 -15.62 -11.92
CA GLU B 82 3.87 -14.90 -10.73
C GLU B 82 4.17 -13.40 -10.78
N VAL B 83 5.39 -13.06 -11.16
CA VAL B 83 5.80 -11.67 -11.35
C VAL B 83 4.90 -11.03 -12.39
N GLY B 84 4.58 -11.80 -13.44
CA GLY B 84 3.68 -11.36 -14.51
C GLY B 84 2.29 -10.99 -14.02
N VAL B 85 1.84 -11.68 -12.97
CA VAL B 85 0.52 -11.44 -12.37
C VAL B 85 0.56 -10.29 -11.36
N LEU B 86 1.57 -10.31 -10.49
CA LEU B 86 1.70 -9.29 -9.46
C LEU B 86 1.79 -7.87 -10.05
N ARG B 87 2.51 -7.74 -11.16
CA ARG B 87 2.69 -6.43 -11.81
C ARG B 87 1.40 -5.90 -12.46
N LYS B 88 0.29 -6.61 -12.25
CA LYS B 88 -1.02 -6.19 -12.73
C LYS B 88 -1.88 -5.69 -11.57
N THR B 89 -1.38 -5.89 -10.36
CA THR B 89 -2.12 -5.55 -9.15
C THR B 89 -1.57 -4.30 -8.49
N ARG B 90 -2.47 -3.36 -8.22
CA ARG B 90 -2.17 -2.14 -7.47
C ARG B 90 -3.43 -1.80 -6.66
N HIS B 91 -3.45 -2.23 -5.41
CA HIS B 91 -4.65 -2.13 -4.59
C HIS B 91 -4.32 -2.23 -3.11
N VAL B 92 -5.01 -1.44 -2.28
CA VAL B 92 -4.77 -1.44 -0.83
C VAL B 92 -4.83 -2.83 -0.21
N ASN B 93 -5.65 -3.71 -0.81
CA ASN B 93 -5.93 -5.01 -0.23
C ASN B 93 -5.15 -6.15 -0.86
N ILE B 94 -4.28 -5.82 -1.82
CA ILE B 94 -3.37 -6.77 -2.43
C ILE B 94 -1.95 -6.48 -1.98
N LEU B 95 -1.30 -7.47 -1.36
CA LEU B 95 0.09 -7.34 -0.92
C LEU B 95 0.94 -6.69 -2.00
N LEU B 96 1.53 -5.55 -1.66
CA LEU B 96 2.20 -4.69 -2.64
C LEU B 96 3.47 -5.32 -3.18
N PHE B 97 3.40 -5.76 -4.44
CA PHE B 97 4.57 -6.19 -5.18
C PHE B 97 5.52 -5.01 -5.33
N MET B 98 6.78 -5.19 -4.94
CA MET B 98 7.77 -4.12 -5.00
C MET B 98 8.85 -4.32 -6.06
N GLY B 99 9.21 -5.58 -6.31
CA GLY B 99 10.23 -5.89 -7.32
C GLY B 99 10.69 -7.33 -7.31
N TYR B 100 11.42 -7.72 -8.35
CA TYR B 100 11.96 -9.06 -8.50
C TYR B 100 13.47 -9.08 -8.74
N SER B 101 14.11 -10.20 -8.42
CA SER B 101 15.56 -10.34 -8.57
C SER B 101 15.90 -11.74 -9.10
N THR B 102 16.76 -11.80 -10.11
CA THR B 102 17.20 -13.07 -10.71
C THR B 102 18.65 -13.41 -10.36
N LYS B 103 19.47 -12.37 -10.28
CA LYS B 103 20.93 -12.49 -10.41
C LYS B 103 21.67 -13.24 -9.29
N PRO B 104 21.31 -13.04 -8.01
CA PRO B 104 21.82 -14.02 -7.05
C PRO B 104 20.98 -15.31 -7.09
N GLN B 105 19.70 -15.20 -6.77
CA GLN B 105 18.73 -16.29 -6.86
C GLN B 105 17.41 -15.68 -7.32
N LEU B 106 16.44 -16.53 -7.64
CA LEU B 106 15.11 -16.05 -8.01
C LEU B 106 14.36 -15.55 -6.78
N ALA B 107 14.02 -14.26 -6.76
CA ALA B 107 13.43 -13.63 -5.57
C ALA B 107 12.32 -12.62 -5.87
N ILE B 108 11.29 -12.64 -5.02
CA ILE B 108 10.18 -11.68 -5.10
C ILE B 108 10.09 -10.81 -3.84
N VAL B 109 10.11 -9.50 -4.04
CA VAL B 109 10.12 -8.52 -2.96
C VAL B 109 8.77 -7.82 -2.88
N THR B 110 8.16 -7.85 -1.70
CA THR B 110 6.91 -7.15 -1.43
C THR B 110 7.03 -6.33 -0.15
N GLN B 111 6.00 -5.54 0.12
CA GLN B 111 5.90 -4.82 1.39
C GLN B 111 5.81 -5.78 2.57
N TRP B 112 6.22 -5.32 3.74
CA TRP B 112 6.21 -6.14 4.95
C TRP B 112 4.98 -5.85 5.80
N CYS B 113 4.39 -6.91 6.36
CA CYS B 113 3.22 -6.78 7.22
C CYS B 113 3.53 -7.27 8.62
N GLU B 114 3.75 -6.35 9.55
CA GLU B 114 3.91 -6.73 10.96
C GLU B 114 2.57 -7.22 11.48
N GLY B 115 2.60 -8.28 12.29
CA GLY B 115 1.36 -8.97 12.66
C GLY B 115 1.03 -9.93 11.54
N SER B 116 1.05 -11.22 11.87
CA SER B 116 1.14 -12.29 10.86
C SER B 116 -0.14 -12.45 10.02
N SER B 117 -0.28 -13.61 9.36
CA SER B 117 -1.46 -13.95 8.57
C SER B 117 -2.68 -14.21 9.43
N LEU B 118 -3.86 -14.14 8.81
CA LEU B 118 -5.11 -14.41 9.48
C LEU B 118 -5.18 -15.84 10.04
N TYR B 119 -4.44 -16.75 9.44
CA TYR B 119 -4.33 -18.13 9.93
C TYR B 119 -3.59 -18.18 11.25
N HIS B 120 -2.57 -17.35 11.39
CA HIS B 120 -1.77 -17.29 12.60
C HIS B 120 -2.60 -16.72 13.76
N HIS B 121 -3.38 -15.68 13.46
CA HIS B 121 -4.20 -15.03 14.47
C HIS B 121 -5.34 -15.92 14.97
N LEU B 122 -6.00 -16.60 14.04
CA LEU B 122 -7.18 -17.40 14.38
C LEU B 122 -6.83 -18.76 14.98
N HIS B 123 -5.75 -19.37 14.50
CA HIS B 123 -5.46 -20.76 14.84
C HIS B 123 -4.15 -21.03 15.58
N ILE B 124 -3.33 -19.98 15.77
CA ILE B 124 -2.07 -20.15 16.51
C ILE B 124 -2.08 -19.38 17.83
N ILE B 125 -2.31 -18.07 17.78
CA ILE B 125 -2.33 -17.25 18.99
C ILE B 125 -3.75 -16.98 19.51
N GLU B 126 -4.73 -17.51 18.78
CA GLU B 126 -6.15 -17.51 19.19
C GLU B 126 -6.76 -16.13 19.46
N THR B 127 -6.39 -15.15 18.64
CA THR B 127 -6.85 -13.77 18.85
C THR B 127 -8.38 -13.67 18.93
N LYS B 128 -8.84 -13.01 19.99
CA LYS B 128 -10.26 -12.75 20.17
C LYS B 128 -10.58 -11.46 19.44
N PHE B 129 -11.17 -11.58 18.25
CA PHE B 129 -11.63 -10.40 17.53
C PHE B 129 -13.07 -10.07 17.90
N GLU B 130 -13.43 -8.79 17.78
CA GLU B 130 -14.81 -8.37 17.92
C GLU B 130 -15.55 -8.59 16.60
N MET B 131 -16.88 -8.71 16.65
CA MET B 131 -17.67 -9.06 15.47
C MET B 131 -17.59 -8.01 14.37
N ILE B 132 -17.52 -6.74 14.77
CA ILE B 132 -17.39 -5.62 13.83
C ILE B 132 -16.10 -5.75 13.03
N LYS B 133 -15.02 -6.16 13.70
CA LYS B 133 -13.71 -6.28 13.08
C LYS B 133 -13.61 -7.53 12.20
N LEU B 134 -14.22 -8.63 12.67
CA LEU B 134 -14.27 -9.87 11.89
C LEU B 134 -14.96 -9.66 10.55
N ILE B 135 -16.06 -8.92 10.59
CA ILE B 135 -16.79 -8.56 9.38
C ILE B 135 -15.93 -7.68 8.49
N ASP B 136 -15.27 -6.69 9.10
CA ASP B 136 -14.38 -5.80 8.38
C ASP B 136 -13.28 -6.56 7.64
N ILE B 137 -12.69 -7.56 8.30
CA ILE B 137 -11.70 -8.43 7.67
C ILE B 137 -12.31 -9.17 6.47
N ALA B 138 -13.55 -9.63 6.63
CA ALA B 138 -14.26 -10.29 5.54
C ALA B 138 -14.52 -9.33 4.38
N ARG B 139 -14.85 -8.08 4.69
CA ARG B 139 -15.14 -7.06 3.67
C ARG B 139 -13.92 -6.65 2.86
N GLN B 140 -12.76 -6.55 3.52
CA GLN B 140 -11.52 -6.17 2.86
C GLN B 140 -10.98 -7.31 1.98
N THR B 141 -11.08 -8.54 2.47
CA THR B 141 -10.76 -9.73 1.68
C THR B 141 -11.62 -9.76 0.43
N ALA B 142 -12.93 -9.59 0.62
CA ALA B 142 -13.87 -9.46 -0.49
C ALA B 142 -13.49 -8.34 -1.44
N GLN B 143 -13.08 -7.20 -0.86
CA GLN B 143 -12.68 -6.02 -1.64
C GLN B 143 -11.53 -6.31 -2.59
N GLY B 144 -10.53 -7.02 -2.08
CA GLY B 144 -9.36 -7.42 -2.87
C GLY B 144 -9.70 -8.43 -3.94
N MET B 145 -10.41 -9.49 -3.55
CA MET B 145 -10.80 -10.57 -4.46
C MET B 145 -11.63 -10.05 -5.63
N ASP B 146 -12.57 -9.17 -5.32
CA ASP B 146 -13.37 -8.46 -6.32
C ASP B 146 -12.49 -7.75 -7.34
N TYR B 147 -11.39 -7.16 -6.86
CA TYR B 147 -10.44 -6.45 -7.70
C TYR B 147 -9.71 -7.40 -8.65
N LEU B 148 -9.23 -8.52 -8.10
CA LEU B 148 -8.50 -9.53 -8.88
C LEU B 148 -9.36 -10.12 -9.99
N HIS B 149 -10.58 -10.52 -9.65
CA HIS B 149 -11.51 -11.09 -10.61
C HIS B 149 -11.94 -10.09 -11.67
N ALA B 150 -11.99 -8.81 -11.31
CA ALA B 150 -12.23 -7.76 -12.29
C ALA B 150 -11.09 -7.68 -13.29
N LYS B 151 -9.89 -8.03 -12.83
CA LYS B 151 -8.70 -8.04 -13.69
C LYS B 151 -8.48 -9.40 -14.33
N SER B 152 -9.44 -10.31 -14.16
CA SER B 152 -9.34 -11.69 -14.67
C SER B 152 -8.26 -12.52 -13.99
N ILE B 153 -8.01 -12.24 -12.72
CA ILE B 153 -6.99 -12.98 -11.98
C ILE B 153 -7.64 -14.00 -11.05
N ILE B 154 -7.39 -15.27 -11.32
CA ILE B 154 -7.84 -16.33 -10.42
C ILE B 154 -6.67 -16.64 -9.50
N HIS B 155 -6.92 -16.52 -8.20
CA HIS B 155 -5.89 -16.68 -7.18
C HIS B 155 -5.47 -18.14 -7.05
N ARG B 156 -6.47 -19.02 -6.98
CA ARG B 156 -6.29 -20.49 -6.96
C ARG B 156 -5.69 -21.06 -5.68
N ASP B 157 -5.51 -20.23 -4.65
CA ASP B 157 -4.97 -20.69 -3.37
C ASP B 157 -5.39 -19.79 -2.20
N LEU B 158 -6.58 -19.21 -2.29
CA LEU B 158 -7.07 -18.36 -1.20
C LEU B 158 -7.23 -19.20 0.06
N LYS B 159 -6.71 -18.69 1.17
CA LYS B 159 -6.81 -19.32 2.47
C LYS B 159 -6.44 -18.28 3.51
N SER B 160 -6.70 -18.56 4.78
CA SER B 160 -6.35 -17.61 5.84
C SER B 160 -4.83 -17.50 6.00
N ASN B 161 -4.10 -18.44 5.41
CA ASN B 161 -2.64 -18.40 5.37
C ASN B 161 -2.12 -17.28 4.47
N ASN B 162 -2.92 -16.92 3.47
CA ASN B 162 -2.55 -15.90 2.50
C ASN B 162 -3.29 -14.58 2.69
N ILE B 163 -4.00 -14.45 3.81
CA ILE B 163 -4.63 -13.19 4.17
C ILE B 163 -3.81 -12.56 5.29
N PHE B 164 -3.08 -11.50 4.96
CA PHE B 164 -2.15 -10.89 5.90
C PHE B 164 -2.72 -9.63 6.51
N LEU B 165 -2.33 -9.36 7.76
CA LEU B 165 -2.87 -8.23 8.50
C LEU B 165 -1.82 -7.17 8.73
N HIS B 166 -1.94 -6.07 8.00
CA HIS B 166 -1.00 -4.97 8.08
C HIS B 166 -1.34 -4.06 9.26
N GLU B 167 -0.47 -4.10 10.27
CA GLU B 167 -0.64 -3.34 11.53
C GLU B 167 -2.00 -3.61 12.19
N ASP B 168 -2.45 -4.86 12.10
CA ASP B 168 -3.71 -5.35 12.68
C ASP B 168 -5.02 -4.79 12.04
N LEU B 169 -4.91 -3.70 11.29
CA LEU B 169 -6.09 -2.96 10.82
C LEU B 169 -6.38 -3.03 9.31
N THR B 170 -5.46 -3.59 8.53
CA THR B 170 -5.60 -3.64 7.08
C THR B 170 -5.30 -5.03 6.52
N VAL B 171 -6.08 -5.44 5.54
CA VAL B 171 -5.99 -6.78 4.96
C VAL B 171 -5.27 -6.77 3.62
N LYS B 172 -4.14 -7.47 3.55
CA LYS B 172 -3.39 -7.64 2.30
C LYS B 172 -3.46 -9.10 1.85
N ILE B 173 -4.08 -9.35 0.69
CA ILE B 173 -4.12 -10.69 0.12
C ILE B 173 -2.77 -11.01 -0.51
N GLY B 174 -2.15 -12.10 -0.09
CA GLY B 174 -0.80 -12.44 -0.54
C GLY B 174 -0.61 -13.78 -1.21
N ASP B 175 0.62 -14.02 -1.66
CA ASP B 175 1.07 -15.27 -2.30
C ASP B 175 0.31 -15.59 -3.58
N PHE B 176 0.90 -15.18 -4.71
CA PHE B 176 0.26 -15.41 -6.00
C PHE B 176 0.94 -16.52 -6.80
N GLY B 177 1.64 -17.40 -6.09
CA GLY B 177 2.36 -18.51 -6.70
C GLY B 177 1.52 -19.30 -7.69
N LEU B 178 0.27 -19.56 -7.33
CA LEU B 178 -0.58 -20.45 -8.12
C LEU B 178 -1.62 -19.71 -8.95
N ALA B 179 -1.50 -18.38 -9.03
CA ALA B 179 -2.47 -17.54 -9.72
C ALA B 179 -2.38 -17.65 -11.25
N THR B 180 -3.52 -17.44 -11.93
CA THR B 180 -3.57 -17.46 -13.40
C THR B 180 -4.43 -16.33 -13.96
N VAL B 181 -4.25 -16.04 -15.26
CA VAL B 181 -5.09 -15.11 -16.00
C VAL B 181 -5.72 -15.83 -17.20
N LEU B 194 -1.60 -26.80 -9.16
CA LEU B 194 -1.45 -28.23 -9.00
C LEU B 194 -1.91 -28.71 -7.60
N SER B 195 -0.96 -28.85 -6.68
CA SER B 195 -1.21 -29.35 -5.33
C SER B 195 -1.37 -28.20 -4.29
N GLY B 196 -1.47 -28.56 -3.00
CA GLY B 196 -1.49 -27.57 -1.93
C GLY B 196 -2.18 -28.00 -0.64
N SER B 197 -2.98 -27.08 -0.10
CA SER B 197 -3.77 -27.31 1.10
C SER B 197 -5.25 -27.38 0.74
N ILE B 198 -5.94 -28.36 1.31
CA ILE B 198 -7.22 -28.84 0.79
C ILE B 198 -8.48 -28.26 1.44
N LEU B 199 -8.33 -27.69 2.63
CA LEU B 199 -9.47 -27.23 3.43
C LEU B 199 -10.26 -26.08 2.80
N TRP B 200 -9.68 -25.40 1.82
CA TRP B 200 -10.32 -24.27 1.12
C TRP B 200 -10.74 -24.65 -0.30
N MET B 201 -10.43 -25.89 -0.69
CA MET B 201 -10.69 -26.37 -2.04
C MET B 201 -12.14 -26.79 -2.24
N ALA B 202 -12.72 -26.32 -3.34
CA ALA B 202 -14.06 -26.70 -3.74
C ALA B 202 -14.09 -28.16 -4.18
N PRO B 203 -15.26 -28.83 -4.03
CA PRO B 203 -15.43 -30.19 -4.52
C PRO B 203 -14.93 -30.38 -5.95
N GLU B 204 -15.29 -29.46 -6.84
CA GLU B 204 -14.92 -29.54 -8.27
C GLU B 204 -13.40 -29.65 -8.46
N VAL B 205 -12.68 -28.95 -7.59
CA VAL B 205 -11.22 -28.93 -7.61
C VAL B 205 -10.68 -30.22 -6.98
N ILE B 206 -11.29 -30.65 -5.89
CA ILE B 206 -10.75 -31.76 -5.10
C ILE B 206 -10.92 -33.14 -5.76
N ARG B 207 -11.80 -33.23 -6.75
CA ARG B 207 -11.88 -34.39 -7.64
C ARG B 207 -11.64 -33.93 -9.07
N MET B 208 -10.42 -34.10 -9.55
CA MET B 208 -9.98 -33.43 -10.79
C MET B 208 -10.75 -33.84 -12.05
N GLN B 209 -11.64 -32.93 -12.47
CA GLN B 209 -12.35 -32.95 -13.77
C GLN B 209 -13.21 -31.68 -13.92
N ASP B 210 -13.21 -31.04 -15.10
CA ASP B 210 -12.48 -31.47 -16.30
C ASP B 210 -11.00 -31.01 -16.30
N LYS B 211 -10.55 -30.48 -17.43
CA LYS B 211 -9.25 -29.81 -17.52
C LYS B 211 -9.17 -28.57 -16.61
N ASN B 212 -10.16 -27.69 -16.69
CA ASN B 212 -10.17 -26.48 -15.86
C ASN B 212 -11.27 -26.45 -14.79
N PRO B 213 -10.98 -27.02 -13.59
CA PRO B 213 -11.90 -26.93 -12.45
C PRO B 213 -11.82 -25.60 -11.70
N TYR B 214 -10.70 -24.89 -11.87
CA TYR B 214 -10.50 -23.59 -11.24
C TYR B 214 -11.25 -22.49 -11.97
N SER B 215 -11.95 -21.64 -11.21
CA SER B 215 -12.78 -20.59 -11.77
C SER B 215 -12.92 -19.48 -10.73
N PHE B 216 -13.59 -18.39 -11.10
CA PHE B 216 -13.94 -17.35 -10.14
C PHE B 216 -14.63 -17.96 -8.92
N GLN B 217 -15.46 -18.96 -9.17
CA GLN B 217 -16.20 -19.65 -8.12
C GLN B 217 -15.30 -20.53 -7.26
N SER B 218 -14.33 -21.19 -7.87
CA SER B 218 -13.38 -22.00 -7.10
C SER B 218 -12.70 -21.13 -6.05
N ASP B 219 -12.52 -19.85 -6.37
CA ASP B 219 -12.01 -18.85 -5.45
C ASP B 219 -13.07 -18.41 -4.46
N VAL B 220 -14.33 -18.37 -4.91
CA VAL B 220 -15.44 -18.00 -4.04
C VAL B 220 -15.63 -19.02 -2.91
N TYR B 221 -15.45 -20.30 -3.25
CA TYR B 221 -15.55 -21.35 -2.24
C TYR B 221 -14.46 -21.18 -1.19
N ALA B 222 -13.24 -20.92 -1.64
CA ALA B 222 -12.14 -20.63 -0.74
C ALA B 222 -12.50 -19.49 0.23
N PHE B 223 -13.08 -18.43 -0.31
CA PHE B 223 -13.57 -17.31 0.49
C PHE B 223 -14.64 -17.78 1.49
N GLY B 224 -15.47 -18.72 1.07
CA GLY B 224 -16.51 -19.31 1.92
C GLY B 224 -15.93 -19.95 3.17
N ILE B 225 -14.77 -20.58 3.02
CA ILE B 225 -14.08 -21.21 4.14
C ILE B 225 -13.40 -20.20 5.06
N VAL B 226 -12.80 -19.14 4.49
CA VAL B 226 -12.23 -18.09 5.37
C VAL B 226 -13.35 -17.32 6.06
N LEU B 227 -14.50 -17.22 5.41
CA LEU B 227 -15.68 -16.69 6.08
C LEU B 227 -16.00 -17.57 7.28
N TYR B 228 -16.00 -18.88 7.05
CA TYR B 228 -16.27 -19.87 8.08
C TYR B 228 -15.27 -19.78 9.22
N GLU B 229 -14.00 -19.54 8.88
CA GLU B 229 -12.95 -19.39 9.89
C GLU B 229 -13.23 -18.18 10.75
N LEU B 230 -13.64 -17.09 10.12
CA LEU B 230 -13.88 -15.85 10.82
C LEU B 230 -15.07 -15.96 11.76
N MET B 231 -16.12 -16.64 11.31
CA MET B 231 -17.36 -16.73 12.07
C MET B 231 -17.40 -17.89 13.07
N THR B 232 -16.36 -18.73 13.06
CA THR B 232 -16.29 -19.85 14.02
C THR B 232 -14.97 -19.91 14.79
N GLY B 233 -14.06 -19.00 14.49
CA GLY B 233 -12.70 -19.04 15.05
C GLY B 233 -12.03 -20.40 14.88
N GLN B 234 -12.56 -21.21 13.95
CA GLN B 234 -12.16 -22.60 13.80
C GLN B 234 -12.02 -23.08 12.36
N LEU B 235 -11.08 -24.00 12.16
CA LEU B 235 -10.89 -24.67 10.87
C LEU B 235 -12.05 -25.64 10.61
N PRO B 236 -12.43 -25.82 9.33
CA PRO B 236 -13.44 -26.83 9.04
C PRO B 236 -12.91 -28.24 9.29
N TYR B 237 -13.82 -29.17 9.58
CA TYR B 237 -13.50 -30.58 9.83
C TYR B 237 -12.43 -30.78 10.89
N SER B 238 -12.49 -29.96 11.93
CA SER B 238 -11.52 -29.99 13.02
C SER B 238 -11.52 -31.33 13.77
N ASN B 239 -12.67 -32.00 13.76
CA ASN B 239 -12.83 -33.26 14.48
C ASN B 239 -12.42 -34.51 13.70
N ILE B 240 -11.96 -34.33 12.46
CA ILE B 240 -11.49 -35.44 11.63
C ILE B 240 -9.97 -35.35 11.43
N ASN B 241 -9.23 -36.34 11.93
CA ASN B 241 -7.76 -36.26 11.90
C ASN B 241 -7.10 -36.77 10.63
N ASN B 242 -7.86 -37.48 9.79
CA ASN B 242 -7.31 -38.11 8.58
C ASN B 242 -7.53 -37.27 7.34
N ARG B 243 -6.44 -36.99 6.62
CA ARG B 243 -6.47 -36.07 5.48
C ARG B 243 -7.14 -36.68 4.25
N ASP B 244 -6.70 -37.87 3.87
CA ASP B 244 -7.21 -38.55 2.68
C ASP B 244 -8.71 -38.76 2.76
N GLN B 245 -9.19 -39.05 3.96
CA GLN B 245 -10.63 -39.15 4.21
C GLN B 245 -11.34 -37.83 3.92
N ILE B 246 -10.85 -36.75 4.52
CA ILE B 246 -11.39 -35.41 4.26
C ILE B 246 -11.41 -35.13 2.76
N ILE B 247 -10.36 -35.53 2.05
CA ILE B 247 -10.29 -35.38 0.61
C ILE B 247 -11.40 -36.19 -0.05
N PHE B 248 -11.41 -37.49 0.21
CA PHE B 248 -12.37 -38.39 -0.42
C PHE B 248 -13.82 -37.98 -0.15
N MET B 249 -14.09 -37.56 1.07
CA MET B 249 -15.45 -37.29 1.50
C MET B 249 -16.02 -35.98 0.95
N VAL B 250 -15.24 -34.90 1.02
CA VAL B 250 -15.62 -33.62 0.41
C VAL B 250 -15.81 -33.80 -1.10
N GLY B 251 -14.97 -34.65 -1.70
CA GLY B 251 -15.04 -34.96 -3.12
C GLY B 251 -16.35 -35.58 -3.57
N ARG B 252 -16.72 -36.70 -2.96
CA ARG B 252 -17.95 -37.41 -3.32
C ARG B 252 -19.17 -36.65 -2.80
N GLY B 253 -18.96 -35.74 -1.85
CA GLY B 253 -20.02 -34.87 -1.36
C GLY B 253 -20.70 -35.37 -0.10
N TYR B 254 -19.94 -36.11 0.70
CA TYR B 254 -20.44 -36.68 1.94
C TYR B 254 -20.16 -35.77 3.14
N LEU B 255 -19.28 -34.78 2.94
CA LEU B 255 -18.81 -33.92 4.01
C LEU B 255 -18.90 -32.47 3.58
N SER B 256 -19.48 -31.64 4.43
CA SER B 256 -19.48 -30.19 4.22
C SER B 256 -19.48 -29.46 5.56
N PRO B 257 -18.77 -28.31 5.63
CA PRO B 257 -18.52 -27.58 6.87
C PRO B 257 -19.76 -27.45 7.76
N ASP B 258 -19.58 -27.62 9.06
CA ASP B 258 -20.67 -27.55 10.01
C ASP B 258 -21.04 -26.10 10.29
N LEU B 259 -22.05 -25.62 9.58
CA LEU B 259 -22.49 -24.22 9.66
C LEU B 259 -23.17 -23.90 11.00
N SER B 260 -23.62 -24.93 11.70
CA SER B 260 -24.20 -24.78 13.03
C SER B 260 -23.14 -24.45 14.09
N LYS B 261 -21.89 -24.29 13.66
CA LYS B 261 -20.79 -23.96 14.57
C LYS B 261 -20.57 -22.45 14.71
N VAL B 262 -21.27 -21.66 13.90
CA VAL B 262 -21.10 -20.20 13.87
C VAL B 262 -21.55 -19.55 15.18
N ARG B 263 -20.76 -18.62 15.71
CA ARG B 263 -21.07 -17.99 17.00
C ARG B 263 -22.38 -17.20 16.93
N SER B 264 -23.11 -17.24 18.04
CA SER B 264 -24.47 -16.68 18.14
C SER B 264 -24.64 -15.25 17.65
N ASN B 265 -23.62 -14.41 17.89
CA ASN B 265 -23.69 -13.00 17.56
C ASN B 265 -23.41 -12.66 16.08
N CYS B 266 -23.04 -13.68 15.29
CA CYS B 266 -22.92 -13.53 13.84
C CYS B 266 -24.30 -13.26 13.23
N PRO B 267 -24.41 -12.19 12.41
CA PRO B 267 -25.69 -11.83 11.82
C PRO B 267 -26.19 -12.88 10.82
N LYS B 268 -27.49 -13.17 10.87
CA LYS B 268 -28.14 -14.12 9.98
C LYS B 268 -27.79 -13.88 8.51
N ALA B 269 -27.65 -12.61 8.13
CA ALA B 269 -27.33 -12.22 6.75
C ALA B 269 -25.94 -12.70 6.32
N MET B 270 -25.03 -12.77 7.27
CA MET B 270 -23.67 -13.26 7.04
C MET B 270 -23.68 -14.77 6.88
N LYS B 271 -24.35 -15.46 7.80
CA LYS B 271 -24.45 -16.91 7.77
C LYS B 271 -25.07 -17.38 6.46
N ARG B 272 -26.11 -16.68 6.01
CA ARG B 272 -26.79 -16.97 4.74
C ARG B 272 -25.86 -16.81 3.56
N LEU B 273 -24.97 -15.83 3.63
CA LEU B 273 -23.97 -15.60 2.58
C LEU B 273 -22.87 -16.65 2.63
N MET B 274 -22.51 -17.07 3.84
CA MET B 274 -21.50 -18.11 4.03
C MET B 274 -21.94 -19.43 3.40
N ALA B 275 -23.23 -19.71 3.51
CA ALA B 275 -23.83 -20.90 2.91
C ALA B 275 -24.01 -20.76 1.40
N GLU B 276 -24.19 -19.52 0.93
CA GLU B 276 -24.30 -19.25 -0.50
C GLU B 276 -22.96 -19.45 -1.19
N CYS B 277 -21.87 -19.19 -0.47
CA CYS B 277 -20.53 -19.35 -1.02
C CYS B 277 -20.08 -20.80 -1.04
N LEU B 278 -20.56 -21.58 -0.08
CA LEU B 278 -20.13 -22.97 0.09
C LEU B 278 -20.97 -24.00 -0.67
N LYS B 279 -21.88 -23.51 -1.52
CA LYS B 279 -22.71 -24.37 -2.37
C LYS B 279 -21.85 -25.37 -3.12
N LYS B 280 -22.26 -26.64 -3.11
CA LYS B 280 -21.51 -27.72 -3.77
C LYS B 280 -21.44 -27.54 -5.28
N LYS B 281 -22.59 -27.21 -5.88
CA LYS B 281 -22.65 -26.87 -7.31
C LYS B 281 -22.11 -25.46 -7.50
N ARG B 282 -21.05 -25.34 -8.31
CA ARG B 282 -20.36 -24.06 -8.46
C ARG B 282 -21.20 -22.95 -9.09
N ASP B 283 -22.17 -23.32 -9.92
CA ASP B 283 -22.99 -22.35 -10.64
C ASP B 283 -24.07 -21.71 -9.77
N GLU B 284 -24.17 -22.15 -8.52
CA GLU B 284 -25.11 -21.58 -7.57
C GLU B 284 -24.46 -20.56 -6.63
N ARG B 285 -23.15 -20.40 -6.75
CA ARG B 285 -22.41 -19.45 -5.92
C ARG B 285 -22.45 -18.05 -6.51
N PRO B 286 -22.54 -17.03 -5.64
CA PRO B 286 -22.51 -15.64 -6.08
C PRO B 286 -21.10 -15.21 -6.47
N LEU B 287 -21.01 -14.24 -7.37
CA LEU B 287 -19.72 -13.65 -7.76
C LEU B 287 -19.42 -12.44 -6.89
N PHE B 288 -18.14 -12.12 -6.73
CA PHE B 288 -17.69 -11.10 -5.77
C PHE B 288 -18.39 -9.75 -5.83
N PRO B 289 -18.68 -9.23 -7.04
CA PRO B 289 -19.42 -7.97 -7.08
C PRO B 289 -20.70 -8.05 -6.25
N GLN B 290 -21.43 -9.15 -6.38
CA GLN B 290 -22.64 -9.37 -5.58
C GLN B 290 -22.30 -9.73 -4.13
N ILE B 291 -21.15 -10.39 -3.92
CA ILE B 291 -20.69 -10.76 -2.58
C ILE B 291 -20.27 -9.53 -1.79
N LEU B 292 -19.53 -8.64 -2.45
CA LEU B 292 -19.06 -7.42 -1.82
C LEU B 292 -20.24 -6.59 -1.34
N ALA B 293 -21.19 -6.35 -2.23
CA ALA B 293 -22.37 -5.54 -1.95
C ALA B 293 -23.15 -6.11 -0.76
N SER B 294 -23.20 -7.44 -0.66
CA SER B 294 -23.95 -8.13 0.38
C SER B 294 -23.34 -7.93 1.77
N ILE B 295 -22.01 -7.94 1.86
CA ILE B 295 -21.34 -7.70 3.12
C ILE B 295 -21.50 -6.23 3.51
N GLU B 296 -21.36 -5.34 2.53
CA GLU B 296 -21.46 -3.90 2.76
C GLU B 296 -22.82 -3.46 3.28
N LEU B 297 -23.87 -4.17 2.87
CA LEU B 297 -25.22 -3.90 3.35
C LEU B 297 -25.36 -4.30 4.83
N LEU B 298 -24.83 -5.45 5.21
CA LEU B 298 -24.90 -5.90 6.60
C LEU B 298 -23.87 -5.22 7.49
N ALA B 299 -23.01 -4.41 6.87
CA ALA B 299 -22.00 -3.64 7.60
C ALA B 299 -22.60 -2.38 8.20
N ARG B 300 -23.31 -1.61 7.39
CA ARG B 300 -23.87 -0.31 7.80
C ARG B 300 -24.98 -0.44 8.84
N SER B 301 -25.90 -1.38 8.63
CA SER B 301 -27.00 -1.59 9.56
C SER B 301 -26.62 -2.49 10.74
N LEU B 302 -25.35 -2.51 11.10
CA LEU B 302 -24.86 -3.35 12.21
C LEU B 302 -24.63 -2.59 13.52
N PRO B 303 -23.68 -1.61 13.54
CA PRO B 303 -23.36 -0.93 14.82
C PRO B 303 -24.48 0.00 15.34
N LYS B 304 -25.49 0.24 14.50
CA LYS B 304 -26.74 0.87 14.94
C LYS B 304 -27.59 -0.18 15.69
C1 SM6 C . -3.22 13.55 -6.04
C2 SM6 C . -4.37 12.99 -5.49
C3 SM6 C . -4.91 13.45 -4.27
C4 SM6 C . -4.23 14.50 -3.62
C5 SM6 C . -3.07 15.07 -4.18
C6 SM6 C . -2.55 14.60 -5.39
C7 SM6 C . -2.84 12.94 -7.29
C8 SM6 C . -3.89 11.82 -7.48
C9 SM6 C . -4.94 11.89 -6.33
N10 SM6 C . -4.67 15.00 -2.45
C11 SM6 C . -5.50 14.58 -1.41
N12 SM6 C . -1.86 13.24 -8.03
C13 SM6 C . -5.69 13.20 -0.98
C14 SM6 C . -6.58 13.08 0.10
S15 SM6 C . -7.24 14.61 0.64
C16 SM6 C . -6.30 15.45 -0.59
C17 SM6 C . -6.43 16.88 -0.67
O18 SM6 C . -5.92 17.49 -1.60
C19 SM6 C . -5.10 12.03 -1.50
C20 SM6 C . -5.44 10.80 -0.89
N21 SM6 C . -6.30 10.69 0.15
C22 SM6 C . -6.87 11.81 0.64
O23 SM6 C . -0.76 12.33 -7.80
O24 SM6 C . -6.68 17.47 0.53
C25 SM6 C . -8.22 18.83 1.84
C26 SM6 C . -7.28 18.77 0.62
C1 SM6 D . 4.97 -14.23 -0.46
C2 SM6 D . 5.55 -13.36 0.47
C3 SM6 D . 5.41 -13.58 1.85
C4 SM6 D . 4.66 -14.69 2.29
C5 SM6 D . 4.07 -15.56 1.35
C6 SM6 D . 4.23 -15.34 -0.04
C7 SM6 D . 5.24 -13.82 -1.83
C8 SM6 D . 6.20 -12.63 -1.67
C9 SM6 D . 6.31 -12.23 -0.17
N10 SM6 D . 4.49 -14.95 3.62
C11 SM6 D . 4.60 -14.23 4.84
N12 SM6 D . 4.49 -14.06 -2.83
C13 SM6 D . 4.67 -12.77 4.98
C14 SM6 D . 4.76 -12.34 6.31
S15 SM6 D . 4.78 -13.65 7.47
C16 SM6 D . 4.65 -14.80 6.16
C17 SM6 D . 4.61 -16.18 6.55
O18 SM6 D . 4.82 -17.06 5.71
C19 SM6 D . 4.65 -11.79 3.97
C20 SM6 D . 4.73 -10.43 4.35
N21 SM6 D . 4.83 -10.02 5.63
C22 SM6 D . 4.84 -10.96 6.61
O23 SM6 D . 3.72 -12.89 -3.17
O24 SM6 D . 3.90 -16.41 7.69
C25 SM6 D . 3.39 -17.41 9.84
C26 SM6 D . 4.42 -17.27 8.71
#